data_4OJB
#
_entry.id   4OJB
#
_cell.length_a   55.796
_cell.length_b   66.397
_cell.length_c   70.467
_cell.angle_alpha   90.00
_cell.angle_beta   90.00
_cell.angle_gamma   90.00
#
_symmetry.space_group_name_H-M   'P 21 21 21'
#
loop_
_entity.id
_entity.type
_entity.pdbx_description
1 polymer 'Androgen receptor'
2 non-polymer R-BICALUTAMIDE
3 water water
#
_entity_poly.entity_id   1
_entity_poly.type   'polypeptide(L)'
_entity_poly.pdbx_seq_one_letter_code
;QPIFLNVLEAIEPGVVCAGHDNNQPDSFAALLSSLNELGERQLVHVVKWAKALPGFRNLHVDDQMAVIQYSLMGLMVFAM
GWRSFTNVNSAMLYFAPDLVFNEYRMHKSRMYSQCVRMRHLSQEFGWLQITPQEFLCMKALLLFSIIPVDGLKNQKFFDE
LRMNYIKELDRIIACKRKNPTSCSRRFYQLTKLLDSVQPIARELHQFTFDLLIKSHMVSVDFPEMMAEIISVQVPKILSG
KVKPIYFHTQ
;
_entity_poly.pdbx_strand_id   A
#
# COMPACT_ATOMS: atom_id res chain seq x y z
N PRO A 2 -13.59 -3.95 22.73
CA PRO A 2 -13.20 -3.67 21.38
C PRO A 2 -12.28 -4.80 20.86
N ILE A 3 -12.88 -5.92 20.44
CA ILE A 3 -12.13 -7.15 20.14
C ILE A 3 -11.40 -6.97 18.82
N PHE A 4 -12.08 -6.32 17.90
CA PHE A 4 -11.61 -6.18 16.55
C PHE A 4 -10.40 -5.26 16.48
N LEU A 5 -10.42 -4.18 17.24
CA LEU A 5 -9.37 -3.21 17.21
C LEU A 5 -8.21 -3.75 17.99
N ASN A 6 -8.49 -4.57 18.99
CA ASN A 6 -7.45 -5.23 19.76
C ASN A 6 -6.57 -6.06 18.84
N VAL A 7 -7.21 -6.87 17.98
CA VAL A 7 -6.52 -7.71 16.99
C VAL A 7 -5.72 -6.87 15.96
N LEU A 8 -6.31 -5.83 15.40
CA LEU A 8 -5.58 -4.98 14.41
C LEU A 8 -4.35 -4.31 15.05
N GLU A 9 -4.51 -3.82 16.26
CA GLU A 9 -3.40 -3.24 17.00
C GLU A 9 -2.33 -4.28 17.26
N ALA A 10 -2.73 -5.46 17.71
CA ALA A 10 -1.75 -6.53 18.02
C ALA A 10 -0.94 -7.02 16.82
N ILE A 11 -1.59 -7.13 15.66
CA ILE A 11 -0.89 -7.66 14.47
C ILE A 11 -0.11 -6.62 13.62
N GLU A 12 -0.17 -5.35 13.97
CA GLU A 12 0.40 -4.28 13.12
C GLU A 12 1.93 -4.42 12.99
N PRO A 13 2.45 -4.50 11.74
CA PRO A 13 3.90 -4.69 11.57
C PRO A 13 4.70 -3.63 12.32
N GLY A 14 5.91 -3.98 12.69
CA GLY A 14 6.84 -3.05 13.30
C GLY A 14 7.70 -2.38 12.22
N VAL A 15 8.85 -1.86 12.65
CA VAL A 15 9.75 -1.08 11.81
C VAL A 15 10.43 -1.96 10.80
N VAL A 16 10.42 -1.53 9.54
CA VAL A 16 11.15 -2.21 8.49
C VAL A 16 12.16 -1.21 7.86
N CYS A 17 13.44 -1.55 7.93
CA CYS A 17 14.50 -0.83 7.27
C CYS A 17 14.75 -1.37 5.85
N ALA A 18 15.23 -0.48 4.97
CA ALA A 18 15.53 -0.77 3.61
C ALA A 18 16.92 -1.31 3.36
N GLY A 19 17.88 -1.06 4.26
CA GLY A 19 19.28 -1.39 4.04
C GLY A 19 19.99 -0.38 3.15
N HIS A 20 19.55 0.88 3.13
CA HIS A 20 20.06 1.81 2.16
C HIS A 20 21.42 2.39 2.62
N ASP A 21 22.42 2.52 1.73
CA ASP A 21 23.68 3.18 2.18
C ASP A 21 23.50 4.70 2.11
N ASN A 22 23.29 5.34 3.25
CA ASN A 22 23.13 6.80 3.29
C ASN A 22 24.42 7.63 3.14
N ASN A 23 25.55 6.99 2.90
CA ASN A 23 26.83 7.72 2.60
C ASN A 23 27.09 7.85 1.11
N GLN A 24 26.51 6.97 0.29
CA GLN A 24 26.64 7.10 -1.15
C GLN A 24 25.75 8.23 -1.60
N PRO A 25 25.99 8.78 -2.81
CA PRO A 25 25.17 9.90 -3.24
C PRO A 25 23.87 9.41 -3.78
N ASP A 26 22.83 10.17 -3.53
CA ASP A 26 21.54 9.84 -4.09
C ASP A 26 21.68 9.66 -5.60
N SER A 27 21.77 8.41 -6.05
CA SER A 27 21.73 8.10 -7.47
C SER A 27 20.40 7.45 -7.76
N PHE A 28 19.92 7.58 -8.99
CA PHE A 28 18.73 6.88 -9.39
C PHE A 28 18.79 5.38 -9.10
N ALA A 29 19.89 4.75 -9.48
CA ALA A 29 20.01 3.31 -9.38
C ALA A 29 20.05 2.87 -7.94
N ALA A 30 20.66 3.69 -7.09
CA ALA A 30 20.82 3.34 -5.69
C ALA A 30 19.51 3.48 -4.90
N LEU A 31 18.79 4.56 -5.18
CA LEU A 31 17.57 4.82 -4.46
C LEU A 31 16.54 3.77 -4.84
N LEU A 32 16.50 3.43 -6.12
CA LEU A 32 15.50 2.50 -6.60
C LEU A 32 15.81 1.05 -6.25
N SER A 33 17.08 0.64 -6.32
CA SER A 33 17.48 -0.64 -5.79
C SER A 33 17.11 -0.78 -4.31
N SER A 34 17.28 0.25 -3.48
CA SER A 34 16.80 0.17 -2.09
C SER A 34 15.29 0.20 -1.95
N LEU A 35 14.58 0.97 -2.79
CA LEU A 35 13.10 0.89 -2.77
C LEU A 35 12.58 -0.51 -3.11
N ASN A 36 13.21 -1.21 -4.07
CA ASN A 36 12.81 -2.55 -4.50
C ASN A 36 13.12 -3.56 -3.40
N GLU A 37 14.22 -3.37 -2.73
CA GLU A 37 14.57 -4.23 -1.62
C GLU A 37 13.60 -3.99 -0.45
N LEU A 38 13.30 -2.74 -0.19
CA LEU A 38 12.33 -2.40 0.81
C LEU A 38 10.97 -2.99 0.50
N GLY A 39 10.56 -2.96 -0.76
CA GLY A 39 9.25 -3.52 -1.14
C GLY A 39 9.19 -5.03 -0.79
N GLU A 40 10.25 -5.77 -1.08
CA GLU A 40 10.32 -7.18 -0.70
C GLU A 40 10.25 -7.42 0.80
N ARG A 41 10.95 -6.61 1.57
CA ARG A 41 10.94 -6.72 3.00
C ARG A 41 9.59 -6.40 3.55
N GLN A 42 8.90 -5.42 2.98
CA GLN A 42 7.56 -5.11 3.46
C GLN A 42 6.53 -6.18 3.02
N LEU A 43 6.67 -6.76 1.84
CA LEU A 43 5.78 -7.84 1.43
C LEU A 43 5.77 -9.02 2.47
N VAL A 44 6.95 -9.39 2.93
CA VAL A 44 7.12 -10.48 3.92
C VAL A 44 6.25 -10.19 5.13
N HIS A 45 6.28 -8.97 5.60
CA HIS A 45 5.45 -8.57 6.72
C HIS A 45 4.00 -8.42 6.39
N VAL A 46 3.70 -7.96 5.18
CA VAL A 46 2.29 -7.82 4.77
C VAL A 46 1.64 -9.19 4.69
N VAL A 47 2.36 -10.20 4.18
CA VAL A 47 1.82 -11.54 4.13
C VAL A 47 1.45 -12.05 5.58
N LYS A 48 2.35 -11.91 6.53
CA LYS A 48 2.08 -12.37 7.88
C LYS A 48 0.98 -11.59 8.55
N TRP A 49 0.97 -10.26 8.36
CA TRP A 49 -0.13 -9.42 8.81
C TRP A 49 -1.49 -9.93 8.31
N ALA A 50 -1.60 -10.05 7.00
CA ALA A 50 -2.84 -10.39 6.30
C ALA A 50 -3.43 -11.70 6.78
N LYS A 51 -2.58 -12.69 6.83
CA LYS A 51 -2.96 -14.04 7.31
C LYS A 51 -3.40 -14.11 8.78
N ALA A 52 -3.11 -13.09 9.58
CA ALA A 52 -3.58 -13.01 10.96
C ALA A 52 -4.80 -12.14 11.16
N LEU A 53 -5.34 -11.62 10.05
CA LEU A 53 -6.47 -10.78 10.09
C LEU A 53 -7.73 -11.56 10.37
N PRO A 54 -8.69 -10.98 11.12
CA PRO A 54 -9.93 -11.73 11.32
C PRO A 54 -10.61 -12.08 10.00
N GLY A 55 -10.85 -13.39 9.87
CA GLY A 55 -11.59 -14.00 8.78
C GLY A 55 -10.83 -14.25 7.49
N PHE A 56 -9.58 -13.79 7.41
CA PHE A 56 -8.86 -13.83 6.14
C PHE A 56 -8.64 -15.25 5.61
N ARG A 57 -8.37 -16.16 6.54
CA ARG A 57 -8.22 -17.57 6.19
C ARG A 57 -9.49 -18.24 5.65
N ASN A 58 -10.63 -17.56 5.73
CA ASN A 58 -11.85 -18.02 5.04
C ASN A 58 -11.71 -18.02 3.53
N LEU A 59 -10.80 -17.19 3.00
CA LEU A 59 -10.63 -17.09 1.56
C LEU A 59 -9.95 -18.32 1.09
N HIS A 60 -10.34 -18.80 -0.08
CA HIS A 60 -9.55 -19.77 -0.82
C HIS A 60 -8.06 -19.37 -0.81
N VAL A 61 -7.17 -20.35 -0.69
CA VAL A 61 -5.73 -20.12 -0.54
C VAL A 61 -5.03 -19.37 -1.70
N ASP A 62 -5.44 -19.68 -2.92
CA ASP A 62 -4.96 -18.95 -4.08
C ASP A 62 -5.43 -17.50 -4.12
N ASP A 63 -6.63 -17.28 -3.59
CA ASP A 63 -7.26 -15.98 -3.54
C ASP A 63 -6.56 -15.20 -2.43
N GLN A 64 -6.11 -15.89 -1.37
CA GLN A 64 -5.35 -15.23 -0.33
C GLN A 64 -4.15 -14.56 -0.94
N MET A 65 -3.32 -15.29 -1.68
CA MET A 65 -2.12 -14.69 -2.17
C MET A 65 -2.41 -13.64 -3.24
N ALA A 66 -3.43 -13.84 -4.08
CA ALA A 66 -3.71 -12.90 -5.13
C ALA A 66 -4.14 -11.54 -4.56
N VAL A 67 -4.98 -11.56 -3.55
CA VAL A 67 -5.44 -10.36 -2.92
C VAL A 67 -4.28 -9.57 -2.28
N ILE A 68 -3.35 -10.28 -1.63
CA ILE A 68 -2.19 -9.63 -1.03
C ILE A 68 -1.30 -8.99 -2.09
N GLN A 69 -1.05 -9.70 -3.19
CA GLN A 69 -0.22 -9.16 -4.24
C GLN A 69 -0.84 -7.95 -4.97
N TYR A 70 -2.13 -8.02 -5.28
CA TYR A 70 -2.82 -6.94 -5.96
C TYR A 70 -2.90 -5.68 -5.09
N SER A 71 -3.04 -5.88 -3.80
CA SER A 71 -3.22 -4.75 -2.89
C SER A 71 -1.96 -4.22 -2.24
N LEU A 72 -0.81 -4.89 -2.46
CA LEU A 72 0.43 -4.54 -1.81
C LEU A 72 0.81 -3.08 -2.00
N MET A 73 0.84 -2.61 -3.24
CA MET A 73 1.22 -1.19 -3.49
C MET A 73 0.38 -0.19 -2.69
N GLY A 74 -0.94 -0.34 -2.74
CA GLY A 74 -1.88 0.52 -1.99
C GLY A 74 -1.67 0.46 -0.48
N LEU A 75 -1.50 -0.75 0.03
CA LEU A 75 -1.20 -0.91 1.42
C LEU A 75 0.09 -0.21 1.82
N MET A 76 1.13 -0.33 1.02
CA MET A 76 2.42 0.26 1.38
C MET A 76 2.32 1.80 1.35
N VAL A 77 1.57 2.29 0.37
CA VAL A 77 1.40 3.70 0.18
C VAL A 77 0.69 4.28 1.35
N PHE A 78 -0.41 3.66 1.72
CA PHE A 78 -1.24 4.12 2.83
C PHE A 78 -0.52 4.14 4.15
N ALA A 79 0.19 3.04 4.44
CA ALA A 79 0.98 2.96 5.64
C ALA A 79 2.14 3.97 5.61
N MET A 80 2.76 4.20 4.46
CA MET A 80 3.87 5.12 4.43
C MET A 80 3.34 6.58 4.63
N GLY A 81 2.19 6.87 4.08
CA GLY A 81 1.52 8.17 4.32
C GLY A 81 1.36 8.38 5.79
N TRP A 82 0.92 7.34 6.47
CA TRP A 82 0.75 7.43 7.90
C TRP A 82 2.05 7.64 8.72
N ARG A 83 3.09 6.84 8.38
CA ARG A 83 4.44 6.97 9.01
C ARG A 83 5.00 8.39 8.83
N SER A 84 4.88 8.91 7.61
CA SER A 84 5.23 10.28 7.30
C SER A 84 4.53 11.31 8.17
N PHE A 85 3.26 11.08 8.42
CA PHE A 85 2.44 11.97 9.22
C PHE A 85 2.88 11.97 10.67
N THR A 86 2.96 10.80 11.27
CA THR A 86 3.30 10.69 12.64
C THR A 86 4.79 10.82 12.95
N ASN A 87 5.68 10.87 11.96
CA ASN A 87 7.11 10.95 12.30
C ASN A 87 7.61 12.32 12.01
N VAL A 88 7.24 12.85 10.86
CA VAL A 88 7.86 14.06 10.36
C VAL A 88 6.79 15.08 9.97
N ASN A 89 5.57 14.87 10.45
CA ASN A 89 4.38 15.68 10.01
C ASN A 89 4.28 15.96 8.51
N SER A 90 4.60 14.93 7.72
CA SER A 90 4.48 14.97 6.29
C SER A 90 5.41 15.96 5.67
N ALA A 91 6.51 16.32 6.36
CA ALA A 91 7.51 17.18 5.76
C ALA A 91 8.21 16.40 4.62
N MET A 92 8.44 15.12 4.86
CA MET A 92 9.22 14.29 3.96
C MET A 92 8.54 12.91 3.90
N LEU A 93 8.91 12.07 2.93
CA LEU A 93 8.31 10.76 2.84
C LEU A 93 9.17 9.75 3.58
N TYR A 94 8.60 9.22 4.64
CA TYR A 94 9.27 8.26 5.50
C TYR A 94 9.08 6.78 5.02
N PHE A 95 9.79 6.42 3.97
CA PHE A 95 9.61 5.07 3.45
C PHE A 95 10.09 4.06 4.51
N ALA A 96 11.17 4.43 5.17
CA ALA A 96 11.75 3.65 6.23
C ALA A 96 12.71 4.51 7.05
N PRO A 97 13.15 4.03 8.23
CA PRO A 97 13.98 4.94 9.04
C PRO A 97 15.25 5.32 8.34
N ASP A 98 15.79 4.43 7.49
CA ASP A 98 17.00 4.69 6.68
C ASP A 98 16.74 5.09 5.22
N LEU A 99 15.49 5.44 4.88
CA LEU A 99 15.15 5.81 3.52
C LEU A 99 14.04 6.83 3.57
N VAL A 100 14.44 8.02 3.99
CA VAL A 100 13.55 9.17 4.15
C VAL A 100 13.80 10.07 2.91
N PHE A 101 12.73 10.40 2.17
CA PHE A 101 12.87 11.21 0.96
C PHE A 101 12.60 12.68 1.21
N ASN A 102 13.59 13.51 0.90
CA ASN A 102 13.36 14.96 0.77
C ASN A 102 13.07 15.26 -0.67
N GLU A 103 12.83 16.55 -0.98
CA GLU A 103 12.52 16.91 -2.40
C GLU A 103 13.56 16.48 -3.35
N TYR A 104 14.82 16.60 -2.92
CA TYR A 104 15.90 16.25 -3.82
C TYR A 104 15.84 14.73 -4.22
N ARG A 105 15.56 13.91 -3.24
CA ARG A 105 15.45 12.47 -3.47
C ARG A 105 14.26 12.22 -4.38
N MET A 106 13.13 12.85 -4.03
CA MET A 106 11.93 12.79 -4.88
C MET A 106 12.20 13.09 -6.32
N HIS A 107 13.01 14.12 -6.61
CA HIS A 107 13.46 14.36 -8.01
C HIS A 107 14.41 13.27 -8.49
N LYS A 108 15.44 12.95 -7.70
CA LYS A 108 16.42 11.99 -8.16
C LYS A 108 15.85 10.58 -8.47
N SER A 109 14.79 10.21 -7.79
CA SER A 109 14.16 8.88 -7.98
C SER A 109 13.28 8.79 -9.25
N ARG A 110 12.98 9.95 -9.86
CA ARG A 110 12.17 10.10 -11.07
C ARG A 110 10.71 9.73 -10.77
N MET A 111 10.31 9.92 -9.50
CA MET A 111 8.98 9.60 -9.04
C MET A 111 8.41 10.83 -8.40
N TYR A 112 8.81 12.01 -8.90
CA TYR A 112 8.46 13.24 -8.21
C TYR A 112 6.95 13.39 -8.12
N SER A 113 6.24 13.24 -9.25
CA SER A 113 4.78 13.45 -9.28
C SER A 113 4.08 12.49 -8.32
N GLN A 114 4.48 11.20 -8.34
CA GLN A 114 3.91 10.24 -7.38
C GLN A 114 4.24 10.64 -5.95
N CYS A 115 5.48 11.09 -5.66
CA CYS A 115 5.79 11.47 -4.25
C CYS A 115 4.98 12.66 -3.73
N VAL A 116 4.74 13.62 -4.61
CA VAL A 116 3.91 14.78 -4.22
C VAL A 116 2.47 14.34 -3.89
N ARG A 117 1.94 13.40 -4.63
CA ARG A 117 0.60 12.83 -4.28
C ARG A 117 0.63 12.15 -2.90
N MET A 118 1.70 11.41 -2.67
CA MET A 118 1.80 10.65 -1.40
C MET A 118 1.97 11.61 -0.27
N ARG A 119 2.76 12.67 -0.47
CA ARG A 119 2.83 13.59 0.67
C ARG A 119 1.48 14.33 0.87
N HIS A 120 0.79 14.61 -0.22
CA HIS A 120 -0.58 15.15 -0.15
C HIS A 120 -1.51 14.24 0.69
N LEU A 121 -1.55 12.95 0.35
CA LEU A 121 -2.20 11.90 1.19
C LEU A 121 -1.75 11.93 2.61
N SER A 122 -0.43 11.97 2.80
CA SER A 122 0.07 12.06 4.14
C SER A 122 -0.53 13.29 4.86
N GLN A 123 -0.63 14.44 4.17
CA GLN A 123 -1.15 15.71 4.82
C GLN A 123 -2.61 15.57 5.19
N GLU A 124 -3.34 14.84 4.33
CA GLU A 124 -4.71 14.44 4.60
C GLU A 124 -4.92 13.84 5.95
N PHE A 125 -3.97 13.02 6.41
CA PHE A 125 -4.16 12.39 7.70
C PHE A 125 -4.23 13.46 8.78
N GLY A 126 -3.63 14.64 8.50
CA GLY A 126 -3.68 15.76 9.46
C GLY A 126 -4.90 16.65 9.18
N TRP A 127 -5.16 16.95 7.92
CA TRP A 127 -6.28 17.81 7.51
C TRP A 127 -7.59 17.19 7.97
N LEU A 128 -7.68 15.84 7.92
CA LEU A 128 -8.89 15.12 8.43
C LEU A 128 -8.84 14.68 9.87
N GLN A 129 -7.74 14.85 10.58
CA GLN A 129 -7.66 14.38 11.98
C GLN A 129 -7.92 12.86 12.12
N ILE A 130 -7.36 12.08 11.19
CA ILE A 130 -7.58 10.65 11.21
C ILE A 130 -7.01 10.03 12.47
N THR A 131 -7.77 9.23 13.19
CA THR A 131 -7.29 8.55 14.36
C THR A 131 -6.48 7.27 14.00
N PRO A 132 -5.56 6.85 14.89
CA PRO A 132 -4.89 5.57 14.76
C PRO A 132 -5.86 4.44 14.56
N GLN A 133 -7.01 4.50 15.19
CA GLN A 133 -7.96 3.40 15.09
C GLN A 133 -8.70 3.40 13.75
N GLU A 134 -8.99 4.59 13.23
CA GLU A 134 -9.55 4.73 11.89
C GLU A 134 -8.47 4.30 10.86
N PHE A 135 -7.22 4.71 11.08
CA PHE A 135 -6.14 4.34 10.18
C PHE A 135 -6.05 2.81 10.06
N LEU A 136 -6.02 2.10 11.19
CA LEU A 136 -5.95 0.67 11.19
C LEU A 136 -7.12 -0.02 10.47
N CYS A 137 -8.36 0.43 10.71
CA CYS A 137 -9.54 -0.13 10.00
C CYS A 137 -9.51 0.11 8.52
N MET A 138 -9.15 1.34 8.13
CA MET A 138 -9.01 1.69 6.71
C MET A 138 -7.90 0.87 6.00
N LYS A 139 -6.80 0.64 6.68
CA LYS A 139 -5.73 -0.16 6.07
C LYS A 139 -6.17 -1.62 5.81
N ALA A 140 -6.83 -2.22 6.79
CA ALA A 140 -7.39 -3.57 6.64
C ALA A 140 -8.40 -3.60 5.52
N LEU A 141 -9.21 -2.54 5.33
CA LEU A 141 -10.14 -2.50 4.19
C LEU A 141 -9.43 -2.38 2.84
N LEU A 142 -8.29 -1.67 2.75
CA LEU A 142 -7.51 -1.61 1.51
C LEU A 142 -7.11 -2.97 1.00
N LEU A 143 -6.86 -3.92 1.91
CA LEU A 143 -6.53 -5.26 1.48
C LEU A 143 -7.67 -5.86 0.66
N PHE A 144 -8.91 -5.47 0.96
CA PHE A 144 -10.08 -6.00 0.28
C PHE A 144 -10.63 -5.07 -0.74
N SER A 145 -9.78 -4.29 -1.38
CA SER A 145 -10.23 -3.26 -2.25
C SER A 145 -9.73 -3.35 -3.70
N ILE A 146 -9.19 -4.50 -4.12
CA ILE A 146 -8.85 -4.68 -5.53
C ILE A 146 -8.90 -6.15 -5.97
N ILE A 147 -9.61 -6.40 -7.07
CA ILE A 147 -9.89 -7.81 -7.51
C ILE A 147 -10.11 -7.96 -8.99
N PRO A 148 -9.95 -9.18 -9.50
CA PRO A 148 -10.18 -9.37 -10.94
C PRO A 148 -11.64 -9.11 -11.24
N VAL A 149 -11.85 -8.47 -12.38
CA VAL A 149 -13.19 -8.14 -12.90
C VAL A 149 -14.03 -9.42 -13.10
N ASP A 150 -13.37 -10.54 -13.41
CA ASP A 150 -14.00 -11.84 -13.54
C ASP A 150 -14.12 -12.62 -12.26
N GLY A 151 -13.67 -12.01 -11.18
CA GLY A 151 -13.94 -12.46 -9.82
C GLY A 151 -12.86 -13.41 -9.38
N LEU A 152 -12.88 -13.71 -8.10
CA LEU A 152 -11.90 -14.56 -7.50
C LEU A 152 -12.47 -15.97 -7.55
N LYS A 153 -11.69 -16.96 -7.11
CA LYS A 153 -12.14 -18.34 -7.07
C LYS A 153 -13.32 -18.59 -6.16
N ASN A 154 -13.29 -18.09 -4.93
CA ASN A 154 -14.47 -18.10 -4.05
C ASN A 154 -14.92 -16.65 -3.74
N GLN A 155 -15.56 -16.00 -4.68
CA GLN A 155 -15.94 -14.61 -4.56
C GLN A 155 -16.92 -14.31 -3.42
N LYS A 156 -17.82 -15.24 -3.09
CA LYS A 156 -18.77 -15.01 -1.97
C LYS A 156 -18.06 -14.82 -0.64
N PHE A 157 -17.03 -15.58 -0.40
CA PHE A 157 -16.26 -15.43 0.83
C PHE A 157 -15.53 -14.06 0.91
N PHE A 158 -15.06 -13.56 -0.24
CA PHE A 158 -14.43 -12.27 -0.32
C PHE A 158 -15.43 -11.15 -0.06
N ASP A 159 -16.58 -11.21 -0.72
CA ASP A 159 -17.66 -10.24 -0.51
C ASP A 159 -18.11 -10.14 0.95
N GLU A 160 -18.17 -11.27 1.62
CA GLU A 160 -18.57 -11.34 3.05
C GLU A 160 -17.56 -10.65 3.94
N LEU A 161 -16.31 -10.90 3.67
CA LEU A 161 -15.22 -10.27 4.41
C LEU A 161 -15.20 -8.76 4.23
N ARG A 162 -15.26 -8.33 2.96
CA ARG A 162 -15.25 -6.94 2.64
C ARG A 162 -16.39 -6.25 3.39
N MET A 163 -17.59 -6.84 3.33
CA MET A 163 -18.78 -6.29 3.94
C MET A 163 -18.55 -6.03 5.42
N ASN A 164 -18.01 -7.04 6.08
CA ASN A 164 -17.75 -6.97 7.52
C ASN A 164 -16.68 -5.95 7.87
N TYR A 165 -15.68 -5.76 7.00
CA TYR A 165 -14.65 -4.79 7.30
C TYR A 165 -15.18 -3.36 7.09
N ILE A 166 -16.09 -3.19 6.15
CA ILE A 166 -16.79 -1.90 6.00
C ILE A 166 -17.60 -1.58 7.27
N LYS A 167 -18.28 -2.58 7.85
CA LYS A 167 -19.08 -2.43 9.05
C LYS A 167 -18.25 -2.01 10.25
N GLU A 168 -17.07 -2.61 10.39
CA GLU A 168 -16.12 -2.29 11.47
C GLU A 168 -15.64 -0.87 11.37
N LEU A 169 -15.37 -0.42 10.16
CA LEU A 169 -15.02 0.98 9.93
C LEU A 169 -16.17 1.93 10.30
N ASP A 170 -17.41 1.51 10.02
CA ASP A 170 -18.58 2.34 10.28
C ASP A 170 -18.80 2.48 11.80
N ARG A 171 -18.68 1.38 12.54
CA ARG A 171 -18.71 1.38 14.02
C ARG A 171 -17.70 2.34 14.62
N ILE A 172 -16.44 2.20 14.20
CA ILE A 172 -15.35 2.95 14.78
C ILE A 172 -15.68 4.43 14.65
N ILE A 173 -16.20 4.84 13.49
CA ILE A 173 -16.77 6.17 13.31
C ILE A 173 -17.87 6.49 14.37
N ALA A 174 -18.78 5.55 14.65
CA ALA A 174 -19.80 5.69 15.69
C ALA A 174 -19.20 5.85 17.11
N CYS A 183 -20.68 12.92 10.69
CA CYS A 183 -20.67 11.48 10.97
C CYS A 183 -20.93 10.67 9.69
N SER A 184 -21.85 11.19 8.92
CA SER A 184 -22.06 10.78 7.56
C SER A 184 -21.13 11.63 6.69
N ARG A 185 -20.73 12.79 7.22
CA ARG A 185 -19.68 13.58 6.61
C ARG A 185 -18.37 12.78 6.61
N ARG A 186 -18.14 12.10 7.73
CA ARG A 186 -16.92 11.41 8.13
C ARG A 186 -16.73 10.26 7.14
N PHE A 187 -17.67 9.31 7.19
CA PHE A 187 -17.71 8.19 6.28
C PHE A 187 -17.50 8.64 4.87
N TYR A 188 -18.19 9.68 4.43
CA TYR A 188 -17.90 10.22 3.08
C TYR A 188 -16.42 10.59 2.91
N GLN A 189 -15.87 11.28 3.89
CA GLN A 189 -14.47 11.74 3.82
C GLN A 189 -13.50 10.57 3.82
N LEU A 190 -13.74 9.62 4.71
CA LEU A 190 -12.83 8.48 4.83
C LEU A 190 -12.86 7.59 3.60
N THR A 191 -14.06 7.38 3.00
CA THR A 191 -14.16 6.58 1.79
C THR A 191 -13.55 7.31 0.60
N LYS A 192 -13.69 8.63 0.56
CA LYS A 192 -12.98 9.40 -0.44
C LYS A 192 -11.44 9.30 -0.29
N LEU A 193 -10.97 9.40 0.94
CA LEU A 193 -9.51 9.23 1.20
C LEU A 193 -9.00 7.85 0.74
N LEU A 194 -9.67 6.78 1.18
CA LEU A 194 -9.40 5.42 0.66
C LEU A 194 -9.41 5.34 -0.83
N ASP A 195 -10.40 5.92 -1.53
CA ASP A 195 -10.39 5.88 -3.00
C ASP A 195 -9.14 6.58 -3.59
N SER A 196 -8.65 7.59 -2.90
CA SER A 196 -7.49 8.38 -3.38
C SER A 196 -6.21 7.58 -3.39
N VAL A 197 -6.18 6.48 -2.65
CA VAL A 197 -4.96 5.63 -2.65
C VAL A 197 -4.77 4.99 -3.99
N GLN A 198 -5.87 4.58 -4.65
CA GLN A 198 -5.80 3.72 -5.83
C GLN A 198 -5.17 4.38 -7.07
N PRO A 199 -5.55 5.62 -7.38
CA PRO A 199 -4.82 6.21 -8.53
C PRO A 199 -3.32 6.32 -8.29
N ILE A 200 -2.94 6.59 -7.05
CA ILE A 200 -1.50 6.69 -6.71
C ILE A 200 -0.87 5.33 -6.89
N ALA A 201 -1.52 4.28 -6.40
CA ALA A 201 -0.96 2.93 -6.59
C ALA A 201 -0.82 2.61 -8.05
N ARG A 202 -1.80 3.01 -8.87
CA ARG A 202 -1.70 2.68 -10.31
C ARG A 202 -0.55 3.41 -11.01
N GLU A 203 -0.36 4.70 -10.70
CA GLU A 203 0.85 5.43 -11.15
C GLU A 203 2.15 4.69 -10.72
N LEU A 204 2.19 4.18 -9.49
CA LEU A 204 3.42 3.52 -9.05
C LEU A 204 3.60 2.22 -9.77
N HIS A 205 2.49 1.50 -9.93
CA HIS A 205 2.52 0.31 -10.71
C HIS A 205 3.00 0.51 -12.10
N GLN A 206 2.53 1.58 -12.73
CA GLN A 206 3.01 1.84 -14.12
C GLN A 206 4.51 2.10 -14.10
N PHE A 207 4.97 2.93 -13.16
CA PHE A 207 6.42 3.28 -13.06
C PHE A 207 7.28 2.06 -12.82
N THR A 208 6.81 1.21 -11.92
CA THR A 208 7.51 -0.04 -11.60
C THR A 208 7.62 -1.03 -12.70
N PHE A 209 6.51 -1.23 -13.42
CA PHE A 209 6.56 -2.16 -14.55
C PHE A 209 7.55 -1.68 -15.60
N ASP A 210 7.45 -0.42 -15.96
CA ASP A 210 8.41 0.21 -16.93
C ASP A 210 9.86 0.04 -16.52
N LEU A 211 10.11 0.28 -15.23
CA LEU A 211 11.45 0.16 -14.70
C LEU A 211 11.97 -1.25 -14.75
N LEU A 212 11.12 -2.23 -14.49
CA LEU A 212 11.55 -3.60 -14.59
C LEU A 212 11.96 -3.94 -16.06
N ILE A 213 11.19 -3.47 -17.03
CA ILE A 213 11.47 -3.81 -18.44
C ILE A 213 12.81 -3.17 -18.82
N LYS A 214 13.08 -1.94 -18.40
CA LYS A 214 14.37 -1.31 -18.75
C LYS A 214 15.42 -1.44 -17.65
N SER A 215 15.19 -2.32 -16.68
CA SER A 215 16.03 -2.36 -15.47
C SER A 215 17.51 -2.66 -15.75
N HIS A 216 17.80 -3.51 -16.73
CA HIS A 216 19.22 -3.79 -17.10
C HIS A 216 20.00 -2.55 -17.61
N MET A 217 19.31 -1.67 -18.31
CA MET A 217 19.95 -0.51 -18.94
C MET A 217 20.06 0.69 -17.99
N VAL A 218 19.41 0.63 -16.83
CA VAL A 218 19.58 1.69 -15.83
C VAL A 218 20.28 1.14 -14.59
N SER A 219 20.62 -0.16 -14.60
CA SER A 219 21.34 -0.79 -13.52
C SER A 219 20.61 -0.79 -12.16
N VAL A 220 19.30 -0.99 -12.20
CA VAL A 220 18.46 -1.19 -11.01
C VAL A 220 18.26 -2.68 -10.80
N ASP A 221 18.44 -3.16 -9.56
CA ASP A 221 18.27 -4.57 -9.22
C ASP A 221 16.87 -4.79 -8.64
N PHE A 222 16.19 -5.83 -9.12
CA PHE A 222 14.93 -6.33 -8.50
C PHE A 222 15.13 -7.60 -7.81
N PRO A 223 14.63 -7.71 -6.56
CA PRO A 223 14.58 -9.04 -5.94
C PRO A 223 13.60 -9.98 -6.71
N GLU A 224 13.94 -11.27 -6.73
CA GLU A 224 13.19 -12.31 -7.45
C GLU A 224 11.70 -12.25 -7.24
N MET A 225 11.32 -12.15 -5.99
CA MET A 225 9.95 -12.21 -5.65
C MET A 225 9.21 -11.03 -6.27
N MET A 226 9.88 -9.89 -6.30
CA MET A 226 9.27 -8.64 -6.73
C MET A 226 9.20 -8.62 -8.24
N ALA A 227 10.22 -9.17 -8.90
CA ALA A 227 10.23 -9.34 -10.34
C ALA A 227 9.11 -10.28 -10.84
N GLU A 228 8.90 -11.39 -10.15
CA GLU A 228 7.82 -12.31 -10.47
C GLU A 228 6.48 -11.61 -10.31
N ILE A 229 6.24 -10.90 -9.20
CA ILE A 229 5.00 -10.16 -9.04
C ILE A 229 4.81 -9.08 -10.10
N ILE A 230 5.84 -8.32 -10.41
CA ILE A 230 5.71 -7.27 -11.33
C ILE A 230 5.40 -7.79 -12.75
N SER A 231 5.86 -9.00 -13.06
CA SER A 231 5.72 -9.55 -14.43
C SER A 231 4.47 -10.44 -14.57
N VAL A 232 3.93 -10.91 -13.44
CA VAL A 232 2.79 -11.80 -13.47
C VAL A 232 1.53 -11.09 -13.03
N GLN A 233 1.59 -10.42 -11.89
CA GLN A 233 0.43 -9.77 -11.35
C GLN A 233 0.14 -8.33 -11.79
N VAL A 234 1.15 -7.47 -11.78
CA VAL A 234 0.96 -6.02 -12.05
C VAL A 234 0.37 -5.76 -13.48
N PRO A 235 0.81 -6.53 -14.51
CA PRO A 235 0.20 -6.36 -15.87
C PRO A 235 -1.29 -6.66 -15.93
N LYS A 236 -1.76 -7.60 -15.13
CA LYS A 236 -3.20 -7.79 -15.00
C LYS A 236 -3.92 -6.53 -14.51
N ILE A 237 -3.28 -5.77 -13.64
CA ILE A 237 -3.85 -4.52 -13.20
C ILE A 237 -3.72 -3.46 -14.31
N LEU A 238 -2.57 -3.41 -14.96
CA LEU A 238 -2.38 -2.37 -15.93
C LEU A 238 -3.21 -2.66 -17.21
N SER A 239 -3.50 -3.93 -17.48
CA SER A 239 -4.38 -4.28 -18.65
C SER A 239 -5.88 -4.22 -18.35
N GLY A 240 -6.24 -3.95 -17.10
CA GLY A 240 -7.64 -3.89 -16.70
C GLY A 240 -8.34 -5.18 -16.39
N LYS A 241 -7.65 -6.28 -16.30
CA LYS A 241 -8.27 -7.46 -15.78
C LYS A 241 -8.54 -7.38 -14.26
N VAL A 242 -7.73 -6.58 -13.55
CA VAL A 242 -7.82 -6.51 -12.13
C VAL A 242 -7.99 -5.06 -11.87
N LYS A 243 -9.04 -4.70 -11.15
CA LYS A 243 -9.39 -3.32 -10.97
C LYS A 243 -9.74 -3.02 -9.52
N PRO A 244 -9.48 -1.77 -9.09
CA PRO A 244 -9.88 -1.42 -7.70
C PRO A 244 -11.36 -1.39 -7.51
N ILE A 245 -11.79 -1.55 -6.26
CA ILE A 245 -13.17 -1.36 -5.88
C ILE A 245 -13.17 0.04 -5.32
N TYR A 246 -13.77 0.99 -6.05
CA TYR A 246 -13.98 2.34 -5.56
C TYR A 246 -15.31 2.44 -4.87
N PHE A 247 -15.38 3.25 -3.82
CA PHE A 247 -16.62 3.59 -3.18
C PHE A 247 -17.42 4.55 -4.08
N HIS A 248 -16.71 5.55 -4.63
CA HIS A 248 -17.31 6.67 -5.30
C HIS A 248 -16.97 6.56 -6.75
N THR A 249 -17.80 7.18 -7.59
CA THR A 249 -17.62 7.24 -9.06
C THR A 249 -17.13 5.91 -9.63
#